data_4R7J
#
_entry.id   4R7J
#
_cell.length_a   119.413
_cell.length_b   119.413
_cell.length_c   69.394
_cell.angle_alpha   90.00
_cell.angle_beta   90.00
_cell.angle_gamma   90.00
#
_symmetry.space_group_name_H-M   'P 4 21 2'
#
loop_
_entity.id
_entity.type
_entity.pdbx_description
1 polymer "Inosine-5'-monophosphate dehydrogenase"
2 non-polymer 'INOSINIC ACID'
3 non-polymer 'CHLORIDE ION'
4 non-polymer GLYCEROL
5 non-polymer 'SULFATE ION'
6 non-polymer (4S)-2-METHYL-2,4-PENTANEDIOL
7 non-polymer 'POTASSIUM ION'
8 water water
#
_entity_poly.entity_id   1
_entity_poly.type   'polypeptide(L)'
_entity_poly.pdbx_seq_one_letter_code
;SNAMKIVKRALTFEDVLLRPGYSEVLPKEVKIHTKLTKNITLNMPLISAAMDTVTEHRAAIMMARLGGLGVIHKNMDIAS
QVREVKRVKKSESGGIKDLKKRKEYPDANKDNFGRLRVGAAIGVGQMDRVDALVEAGVDVVVLDSAHGHSKGIIDTVKAI
KAKYPNLDLIAGNIATAAAAKALCEAGVDAVKVGIGPGSICTTRIVSGVGVPQISAIDECVEEANKFGVPVIADGGIKYS
GDIAKALAVGASSVMIGSLLAGTDESPGELFTYQGRQYKSYRGMGSLGAMQKGSSDRYFQQGTAQDKLVPEGIEGRVPYV
GSIRSVVHQLLGGLRSSMGYVGAKDIEDFQKRAEFVEITTAGLKESHVHDVTITHEAPNYKVNHQ
;
_entity_poly.pdbx_strand_id   A
#
# COMPACT_ATOMS: atom_id res chain seq x y z
N ALA A 3 -6.95 -10.23 35.54
CA ALA A 3 -5.63 -9.99 34.97
C ALA A 3 -5.75 -9.54 33.52
N MET A 4 -4.76 -8.79 33.05
CA MET A 4 -4.76 -8.28 31.68
C MET A 4 -4.64 -9.43 30.69
N LYS A 5 -5.31 -9.29 29.55
CA LYS A 5 -5.29 -10.33 28.53
C LYS A 5 -4.32 -9.98 27.42
N ILE A 6 -3.13 -10.55 27.47
CA ILE A 6 -2.15 -10.40 26.39
C ILE A 6 -2.34 -11.54 25.39
N VAL A 7 -2.86 -11.19 24.22
CA VAL A 7 -3.26 -12.20 23.23
C VAL A 7 -2.05 -12.87 22.58
N LYS A 8 -1.03 -12.07 22.26
CA LYS A 8 0.14 -12.60 21.57
C LYS A 8 1.35 -11.66 21.69
N ARG A 9 2.51 -12.17 21.31
CA ARG A 9 3.70 -11.33 21.14
C ARG A 9 3.84 -11.01 19.66
N ALA A 10 3.50 -9.78 19.28
CA ALA A 10 3.37 -9.43 17.87
C ALA A 10 4.68 -8.89 17.28
N LEU A 11 4.92 -9.26 16.03
CA LEU A 11 6.16 -8.91 15.35
C LEU A 11 5.91 -7.94 14.19
N THR A 12 6.94 -7.15 13.86
CA THR A 12 6.90 -6.32 12.67
C THR A 12 8.07 -6.68 11.76
N PHE A 13 8.24 -5.92 10.68
CA PHE A 13 9.20 -6.27 9.62
C PHE A 13 10.62 -6.49 10.12
N GLU A 14 11.08 -5.63 11.02
N GLU A 14 11.09 -5.62 11.02
CA GLU A 14 12.45 -5.68 11.51
CA GLU A 14 12.46 -5.69 11.51
C GLU A 14 12.72 -6.91 12.37
C GLU A 14 12.72 -6.96 12.30
N ASP A 15 11.66 -7.56 12.83
CA ASP A 15 11.79 -8.73 13.71
C ASP A 15 12.09 -10.03 12.98
N VAL A 16 11.90 -10.05 11.66
CA VAL A 16 12.01 -11.29 10.92
C VAL A 16 12.84 -11.19 9.63
N LEU A 17 13.32 -12.35 9.18
CA LEU A 17 14.03 -12.46 7.91
C LEU A 17 13.59 -13.72 7.19
N LEU A 18 13.64 -13.68 5.86
CA LEU A 18 13.35 -14.86 5.04
C LEU A 18 14.55 -15.77 4.93
N ARG A 19 14.33 -17.07 5.02
CA ARG A 19 15.38 -18.05 4.79
C ARG A 19 15.54 -18.32 3.30
N PRO A 20 16.79 -18.43 2.84
CA PRO A 20 17.05 -18.80 1.45
C PRO A 20 16.64 -20.25 1.20
N GLY A 21 16.17 -20.54 -0.02
CA GLY A 21 15.80 -21.89 -0.39
C GLY A 21 16.47 -22.29 -1.69
N TYR A 22 16.30 -23.55 -2.09
CA TYR A 22 16.86 -24.01 -3.36
C TYR A 22 16.20 -23.28 -4.51
N SER A 23 17.00 -22.73 -5.41
CA SER A 23 16.48 -21.89 -6.48
C SER A 23 16.93 -22.34 -7.87
N GLU A 24 15.97 -22.33 -8.80
CA GLU A 24 16.26 -22.62 -10.19
C GLU A 24 15.82 -21.46 -11.07
N VAL A 25 15.44 -20.36 -10.43
CA VAL A 25 14.93 -19.19 -11.13
C VAL A 25 15.78 -17.95 -10.88
N LEU A 26 15.93 -17.13 -11.92
CA LEU A 26 16.64 -15.86 -11.79
C LEU A 26 15.65 -14.74 -11.52
N PRO A 27 16.07 -13.73 -10.74
CA PRO A 27 15.22 -12.59 -10.40
C PRO A 27 14.54 -11.94 -11.60
N LYS A 28 15.21 -11.95 -12.75
CA LYS A 28 14.64 -11.36 -13.96
C LYS A 28 13.54 -12.23 -14.57
N GLU A 29 13.48 -13.50 -14.14
CA GLU A 29 12.57 -14.46 -14.74
C GLU A 29 11.27 -14.66 -13.96
N VAL A 30 11.26 -14.25 -12.70
CA VAL A 30 10.10 -14.47 -11.83
C VAL A 30 8.92 -13.58 -12.23
N LYS A 31 7.71 -14.03 -11.91
CA LYS A 31 6.50 -13.27 -12.23
C LYS A 31 5.99 -12.57 -10.98
N ILE A 32 5.68 -11.28 -11.10
CA ILE A 32 5.26 -10.49 -9.95
C ILE A 32 3.84 -9.96 -10.09
N HIS A 33 3.05 -10.57 -10.97
CA HIS A 33 1.63 -10.24 -11.08
C HIS A 33 0.91 -10.72 -9.83
N THR A 34 -0.20 -10.07 -9.48
CA THR A 34 -0.94 -10.41 -8.28
C THR A 34 -2.37 -9.89 -8.37
N LYS A 35 -3.15 -10.12 -7.32
CA LYS A 35 -4.53 -9.64 -7.28
C LYS A 35 -4.67 -8.43 -6.35
N LEU A 36 -5.28 -7.38 -6.87
CA LEU A 36 -5.67 -6.22 -6.06
C LEU A 36 -6.90 -6.57 -5.26
N THR A 37 -7.94 -6.99 -5.96
CA THR A 37 -9.18 -7.44 -5.36
C THR A 37 -9.52 -8.81 -5.93
N LYS A 38 -10.72 -9.30 -5.61
CA LYS A 38 -11.18 -10.57 -6.15
C LYS A 38 -11.26 -10.54 -7.67
N ASN A 39 -11.53 -9.36 -8.23
CA ASN A 39 -11.78 -9.23 -9.66
C ASN A 39 -10.75 -8.40 -10.42
N ILE A 40 -9.87 -7.71 -9.69
CA ILE A 40 -8.88 -6.86 -10.33
C ILE A 40 -7.46 -7.36 -10.10
N THR A 41 -6.72 -7.57 -11.19
CA THR A 41 -5.34 -8.03 -11.12
C THR A 41 -4.36 -6.89 -11.30
N LEU A 42 -3.20 -7.02 -10.67
CA LEU A 42 -2.09 -6.08 -10.88
C LEU A 42 -0.95 -6.79 -11.59
N ASN A 43 -0.15 -6.05 -12.34
CA ASN A 43 1.04 -6.63 -12.96
C ASN A 43 2.26 -6.43 -12.05
N MET A 44 2.13 -5.48 -11.13
CA MET A 44 3.08 -5.21 -10.04
C MET A 44 2.30 -5.07 -8.72
N PRO A 45 2.87 -5.57 -7.62
CA PRO A 45 2.10 -5.55 -6.36
C PRO A 45 2.16 -4.23 -5.58
N LEU A 46 2.40 -3.11 -6.25
CA LEU A 46 2.56 -1.84 -5.53
C LEU A 46 1.40 -0.87 -5.75
N ILE A 47 0.95 -0.26 -4.65
CA ILE A 47 -0.11 0.75 -4.67
C ILE A 47 0.37 2.01 -3.95
N SER A 48 0.14 3.17 -4.56
CA SER A 48 0.50 4.43 -3.90
C SER A 48 -0.62 4.85 -2.96
N ALA A 49 -0.25 5.39 -1.81
CA ALA A 49 -1.21 5.70 -0.75
C ALA A 49 -2.17 6.82 -1.13
N ALA A 50 -3.38 6.77 -0.57
CA ALA A 50 -4.39 7.79 -0.80
C ALA A 50 -4.15 9.00 0.09
N MET A 51 -3.09 9.74 -0.19
CA MET A 51 -2.69 10.89 0.61
C MET A 51 -2.46 12.11 -0.28
N ASP A 52 -2.73 13.31 0.25
CA ASP A 52 -2.67 14.51 -0.58
C ASP A 52 -1.22 14.97 -0.83
N THR A 53 -0.26 14.22 -0.31
CA THR A 53 1.14 14.50 -0.58
C THR A 53 1.77 13.32 -1.33
N VAL A 54 0.93 12.40 -1.79
CA VAL A 54 1.41 11.22 -2.50
C VAL A 54 0.73 10.99 -3.84
N THR A 55 -0.59 10.87 -3.83
CA THR A 55 -1.29 10.43 -5.04
C THR A 55 -2.40 11.36 -5.54
N GLU A 56 -2.13 12.00 -6.67
CA GLU A 56 -3.18 12.58 -7.50
C GLU A 56 -3.02 11.99 -8.90
N HIS A 57 -3.55 12.65 -9.92
CA HIS A 57 -3.71 12.01 -11.22
C HIS A 57 -2.39 11.55 -11.87
N ARG A 58 -1.32 12.33 -11.72
CA ARG A 58 -0.08 12.01 -12.40
C ARG A 58 0.67 10.86 -11.71
N ALA A 59 0.61 10.82 -10.39
CA ALA A 59 1.19 9.71 -9.65
C ALA A 59 0.43 8.43 -9.96
N ALA A 60 -0.90 8.54 -10.01
CA ALA A 60 -1.77 7.41 -10.32
C ALA A 60 -1.52 6.88 -11.73
N ILE A 61 -1.28 7.80 -12.66
CA ILE A 61 -1.02 7.43 -14.05
C ILE A 61 0.28 6.61 -14.17
N MET A 62 1.33 7.08 -13.51
CA MET A 62 2.61 6.38 -13.54
C MET A 62 2.53 5.02 -12.86
N MET A 63 1.82 4.95 -11.75
CA MET A 63 1.68 3.70 -11.02
C MET A 63 0.98 2.63 -11.87
N ALA A 64 -0.07 3.05 -12.57
CA ALA A 64 -0.81 2.14 -13.44
C ALA A 64 0.03 1.75 -14.66
N ARG A 65 0.82 2.69 -15.16
CA ARG A 65 1.69 2.44 -16.31
C ARG A 65 2.77 1.41 -15.99
N LEU A 66 3.22 1.42 -14.74
CA LEU A 66 4.26 0.50 -14.31
C LEU A 66 3.68 -0.84 -13.87
N GLY A 67 2.35 -0.93 -13.86
CA GLY A 67 1.67 -2.18 -13.57
C GLY A 67 0.91 -2.22 -12.26
N GLY A 68 1.07 -1.19 -11.45
CA GLY A 68 0.42 -1.14 -10.15
C GLY A 68 -0.85 -0.31 -10.17
N LEU A 69 -1.07 0.46 -9.11
CA LEU A 69 -2.26 1.28 -9.00
C LEU A 69 -2.01 2.50 -8.13
N GLY A 70 -2.72 3.58 -8.41
CA GLY A 70 -2.73 4.75 -7.54
C GLY A 70 -4.14 4.98 -7.02
N VAL A 71 -4.24 5.42 -5.77
CA VAL A 71 -5.54 5.73 -5.19
C VAL A 71 -5.65 7.23 -4.93
N ILE A 72 -6.50 7.90 -5.69
CA ILE A 72 -6.72 9.34 -5.52
C ILE A 72 -7.29 9.61 -4.12
N HIS A 73 -6.65 10.53 -3.40
CA HIS A 73 -7.07 10.83 -2.04
C HIS A 73 -8.41 11.58 -2.02
N LYS A 74 -9.03 11.66 -0.86
CA LYS A 74 -10.37 12.22 -0.73
C LYS A 74 -10.37 13.60 -0.08
N ASN A 75 -9.18 14.16 0.14
CA ASN A 75 -9.09 15.50 0.72
C ASN A 75 -9.28 16.56 -0.35
N MET A 76 -10.41 16.47 -1.05
CA MET A 76 -10.78 17.43 -2.09
C MET A 76 -12.27 17.28 -2.35
N ASP A 77 -12.87 18.28 -3.00
CA ASP A 77 -14.29 18.23 -3.32
C ASP A 77 -14.56 17.10 -4.31
N ILE A 78 -15.83 16.70 -4.39
CA ILE A 78 -16.23 15.60 -5.25
C ILE A 78 -15.88 15.87 -6.71
N ALA A 79 -16.16 17.08 -7.18
CA ALA A 79 -15.87 17.46 -8.56
C ALA A 79 -14.38 17.35 -8.88
N SER A 80 -13.54 17.73 -7.91
CA SER A 80 -12.09 17.65 -8.09
C SER A 80 -11.60 16.22 -8.19
N GLN A 81 -12.14 15.34 -7.33
CA GLN A 81 -11.74 13.94 -7.34
C GLN A 81 -12.17 13.27 -8.64
N VAL A 82 -13.38 13.62 -9.10
CA VAL A 82 -13.89 13.15 -10.37
C VAL A 82 -12.95 13.54 -11.51
N ARG A 83 -12.49 14.79 -11.47
CA ARG A 83 -11.58 15.29 -12.51
C ARG A 83 -10.26 14.51 -12.49
N GLU A 84 -9.73 14.24 -11.31
CA GLU A 84 -8.50 13.47 -11.18
C GLU A 84 -8.66 12.04 -11.72
N VAL A 85 -9.80 11.43 -11.41
CA VAL A 85 -10.10 10.09 -11.90
C VAL A 85 -10.20 10.08 -13.43
N LYS A 86 -10.92 11.06 -13.97
CA LYS A 86 -11.08 11.18 -15.41
C LYS A 86 -9.75 11.38 -16.12
N ARG A 87 -8.87 12.18 -15.54
CA ARG A 87 -7.56 12.43 -16.14
C ARG A 87 -6.75 11.15 -16.30
N VAL A 88 -6.89 10.24 -15.33
CA VAL A 88 -6.19 8.96 -15.40
C VAL A 88 -6.80 8.06 -16.47
N LYS A 89 -8.13 8.02 -16.51
CA LYS A 89 -8.84 7.17 -17.47
C LYS A 89 -8.64 7.62 -18.91
N LYS A 90 -8.50 8.93 -19.12
CA LYS A 90 -8.34 9.47 -20.47
C LYS A 90 -6.88 9.57 -20.88
N SER A 91 -5.98 9.13 -20.00
CA SER A 91 -4.54 9.31 -20.21
C SER A 91 -4.01 8.63 -21.47
N GLU A 92 -4.36 7.37 -21.66
CA GLU A 92 -3.85 6.60 -22.79
C GLU A 92 -4.51 7.02 -24.10
N LYS A 100 3.53 5.30 -28.62
CA LYS A 100 4.81 5.36 -27.93
C LYS A 100 4.75 4.64 -26.59
N LYS A 101 3.65 4.83 -25.87
CA LYS A 101 3.49 4.32 -24.52
C LYS A 101 3.38 2.79 -24.44
N ARG A 102 2.84 2.19 -25.50
CA ARG A 102 2.43 0.79 -25.45
C ARG A 102 3.56 -0.18 -25.15
N LYS A 103 4.79 0.14 -25.53
CA LYS A 103 5.90 -0.67 -25.06
C LYS A 103 7.00 0.24 -24.49
N GLU A 104 6.69 1.50 -24.26
CA GLU A 104 7.49 2.26 -23.32
C GLU A 104 7.07 1.75 -21.94
N TYR A 105 5.80 1.37 -21.85
CA TYR A 105 5.23 0.79 -20.64
C TYR A 105 4.46 -0.48 -20.98
N PRO A 106 5.19 -1.60 -21.16
CA PRO A 106 4.59 -2.87 -21.61
C PRO A 106 3.79 -3.57 -20.53
N ASP A 107 3.96 -3.18 -19.27
CA ASP A 107 3.30 -3.86 -18.16
C ASP A 107 2.14 -3.04 -17.58
N ALA A 108 1.66 -2.07 -18.36
CA ALA A 108 0.62 -1.15 -17.91
C ALA A 108 -0.63 -1.88 -17.42
N ASN A 109 -1.20 -1.38 -16.33
CA ASN A 109 -2.40 -1.97 -15.74
C ASN A 109 -3.66 -1.29 -16.29
N LYS A 110 -4.35 -1.99 -17.20
CA LYS A 110 -5.48 -1.40 -17.90
C LYS A 110 -6.78 -2.21 -17.74
N ASP A 111 -7.91 -1.53 -17.92
CA ASP A 111 -9.21 -2.19 -17.88
C ASP A 111 -9.54 -2.86 -19.21
N ASN A 112 -10.78 -3.29 -19.37
CA ASN A 112 -11.22 -3.97 -20.59
C ASN A 112 -11.18 -3.07 -21.82
N PHE A 113 -11.18 -1.76 -21.59
CA PHE A 113 -11.23 -0.79 -22.69
C PHE A 113 -9.87 -0.18 -22.98
N GLY A 114 -8.83 -0.74 -22.38
CA GLY A 114 -7.46 -0.27 -22.61
C GLY A 114 -7.15 1.02 -21.90
N ARG A 115 -7.95 1.36 -20.89
CA ARG A 115 -7.73 2.56 -20.09
C ARG A 115 -7.01 2.20 -18.79
N LEU A 116 -6.10 3.05 -18.37
CA LEU A 116 -5.36 2.84 -17.12
C LEU A 116 -6.30 2.69 -15.92
N ARG A 117 -6.03 1.68 -15.09
N ARG A 117 -6.02 1.68 -15.10
CA ARG A 117 -6.83 1.46 -13.91
CA ARG A 117 -6.78 1.45 -13.88
C ARG A 117 -6.53 2.51 -12.84
C ARG A 117 -6.53 2.58 -12.88
N VAL A 118 -7.55 2.90 -12.08
CA VAL A 118 -7.39 3.89 -11.03
C VAL A 118 -8.33 3.62 -9.86
N GLY A 119 -7.87 3.93 -8.65
CA GLY A 119 -8.68 3.83 -7.47
C GLY A 119 -8.96 5.20 -6.87
N ALA A 120 -9.96 5.29 -6.01
CA ALA A 120 -10.30 6.55 -5.36
C ALA A 120 -10.81 6.29 -3.94
N ALA A 121 -10.38 7.13 -3.01
CA ALA A 121 -10.74 6.96 -1.61
C ALA A 121 -12.06 7.63 -1.27
N ILE A 122 -12.84 6.98 -0.42
CA ILE A 122 -14.06 7.57 0.13
C ILE A 122 -14.10 7.36 1.63
N GLY A 123 -15.03 8.05 2.29
CA GLY A 123 -15.22 7.89 3.72
C GLY A 123 -16.60 7.35 4.02
N VAL A 124 -16.89 7.15 5.31
CA VAL A 124 -18.19 6.64 5.74
C VAL A 124 -19.33 7.57 5.31
N GLY A 125 -20.37 6.98 4.72
CA GLY A 125 -21.58 7.71 4.40
C GLY A 125 -21.50 8.64 3.19
N GLN A 126 -20.38 8.60 2.49
CA GLN A 126 -20.19 9.47 1.33
C GLN A 126 -20.74 8.84 0.05
N MET A 127 -22.05 8.61 0.02
CA MET A 127 -22.68 7.95 -1.11
C MET A 127 -22.70 8.84 -2.35
N ASP A 128 -22.88 10.14 -2.14
CA ASP A 128 -22.84 11.12 -3.23
C ASP A 128 -21.51 11.05 -3.97
N ARG A 129 -20.43 10.93 -3.21
CA ARG A 129 -19.08 10.85 -3.78
C ARG A 129 -18.92 9.56 -4.58
N VAL A 130 -19.47 8.46 -4.05
CA VAL A 130 -19.41 7.16 -4.72
C VAL A 130 -20.11 7.20 -6.08
N ASP A 131 -21.32 7.79 -6.10
CA ASP A 131 -22.08 7.92 -7.34
C ASP A 131 -21.27 8.62 -8.43
N ALA A 132 -20.62 9.72 -8.07
CA ALA A 132 -19.88 10.52 -9.03
C ALA A 132 -18.62 9.81 -9.50
N LEU A 133 -17.94 9.12 -8.59
CA LEU A 133 -16.73 8.39 -8.95
C LEU A 133 -17.05 7.23 -9.89
N VAL A 134 -18.17 6.55 -9.64
CA VAL A 134 -18.60 5.43 -10.47
C VAL A 134 -18.86 5.88 -11.92
N GLU A 135 -19.65 6.93 -12.09
CA GLU A 135 -19.97 7.42 -13.43
C GLU A 135 -18.73 8.03 -14.09
N ALA A 136 -17.73 8.38 -13.27
CA ALA A 136 -16.46 8.86 -13.79
C ALA A 136 -15.60 7.68 -14.27
N GLY A 137 -16.06 6.46 -13.96
CA GLY A 137 -15.39 5.26 -14.43
C GLY A 137 -14.25 4.78 -13.57
N VAL A 138 -14.33 5.04 -12.27
CA VAL A 138 -13.31 4.55 -11.35
C VAL A 138 -13.38 3.02 -11.29
N ASP A 139 -12.22 2.38 -11.18
CA ASP A 139 -12.15 0.93 -11.24
C ASP A 139 -12.40 0.29 -9.88
N VAL A 140 -11.96 0.96 -8.83
CA VAL A 140 -12.11 0.45 -7.48
C VAL A 140 -12.26 1.60 -6.50
N VAL A 141 -13.13 1.42 -5.52
CA VAL A 141 -13.33 2.41 -4.47
C VAL A 141 -12.68 1.93 -3.17
N VAL A 142 -11.87 2.78 -2.57
CA VAL A 142 -11.20 2.43 -1.32
C VAL A 142 -11.87 3.12 -0.15
N LEU A 143 -12.71 2.36 0.56
CA LEU A 143 -13.37 2.86 1.76
C LEU A 143 -12.40 2.77 2.93
N ASP A 144 -11.73 3.88 3.24
CA ASP A 144 -10.77 3.85 4.35
C ASP A 144 -11.24 4.65 5.56
N SER A 145 -10.87 4.12 6.72
CA SER A 145 -11.14 4.76 8.00
C SER A 145 -9.97 4.47 8.91
N ALA A 146 -9.86 5.24 9.99
CA ALA A 146 -8.85 4.94 11.01
C ALA A 146 -9.22 3.62 11.68
N HIS A 147 -10.50 3.30 11.65
CA HIS A 147 -11.01 2.08 12.28
C HIS A 147 -12.02 1.37 11.37
N GLY A 148 -11.52 0.46 10.54
CA GLY A 148 -12.36 -0.25 9.59
C GLY A 148 -13.33 -1.22 10.24
N HIS A 149 -12.98 -1.69 11.42
CA HIS A 149 -13.82 -2.63 12.16
C HIS A 149 -14.88 -1.87 12.95
N SER A 150 -15.79 -1.22 12.23
CA SER A 150 -16.80 -0.36 12.86
C SER A 150 -18.14 -0.47 12.15
N LYS A 151 -19.21 -0.09 12.85
CA LYS A 151 -20.56 -0.14 12.29
C LYS A 151 -20.69 0.77 11.07
N GLY A 152 -20.10 1.95 11.15
CA GLY A 152 -20.15 2.92 10.07
C GLY A 152 -19.57 2.37 8.78
N ILE A 153 -18.44 1.67 8.89
CA ILE A 153 -17.80 1.09 7.72
C ILE A 153 -18.62 -0.07 7.15
N ILE A 154 -19.07 -0.97 8.02
CA ILE A 154 -19.88 -2.11 7.60
C ILE A 154 -21.15 -1.66 6.89
N ASP A 155 -21.85 -0.70 7.49
CA ASP A 155 -23.09 -0.19 6.91
C ASP A 155 -22.84 0.43 5.53
N THR A 156 -21.70 1.10 5.40
CA THR A 156 -21.35 1.74 4.13
C THR A 156 -21.03 0.70 3.05
N VAL A 157 -20.31 -0.36 3.46
CA VAL A 157 -20.02 -1.46 2.55
C VAL A 157 -21.32 -2.04 1.99
N LYS A 158 -22.27 -2.32 2.87
CA LYS A 158 -23.54 -2.92 2.49
C LYS A 158 -24.35 -1.99 1.58
N ALA A 159 -24.32 -0.70 1.88
CA ALA A 159 -25.07 0.28 1.10
C ALA A 159 -24.51 0.40 -0.32
N ILE A 160 -23.18 0.39 -0.43
CA ILE A 160 -22.52 0.48 -1.73
C ILE A 160 -22.77 -0.77 -2.57
N LYS A 161 -22.64 -1.93 -1.95
CA LYS A 161 -22.85 -3.20 -2.65
C LYS A 161 -24.30 -3.35 -3.10
N ALA A 162 -25.23 -2.79 -2.34
CA ALA A 162 -26.64 -2.85 -2.68
C ALA A 162 -26.95 -1.99 -3.90
N LYS A 163 -26.23 -0.88 -4.03
CA LYS A 163 -26.47 0.06 -5.12
C LYS A 163 -25.57 -0.24 -6.33
N TYR A 164 -24.35 -0.68 -6.05
CA TYR A 164 -23.40 -1.03 -7.11
C TYR A 164 -22.79 -2.40 -6.88
N PRO A 165 -23.55 -3.47 -7.18
CA PRO A 165 -23.12 -4.86 -6.92
C PRO A 165 -21.79 -5.23 -7.57
N ASN A 166 -21.47 -4.63 -8.71
CA ASN A 166 -20.28 -4.99 -9.45
C ASN A 166 -19.09 -4.06 -9.23
N LEU A 167 -19.27 -3.06 -8.36
CA LEU A 167 -18.19 -2.15 -8.03
C LEU A 167 -17.21 -2.81 -7.06
N ASP A 168 -15.95 -2.94 -7.47
CA ASP A 168 -14.93 -3.47 -6.59
C ASP A 168 -14.70 -2.54 -5.40
N LEU A 169 -14.74 -3.11 -4.20
CA LEU A 169 -14.66 -2.31 -2.99
C LEU A 169 -13.56 -2.78 -2.05
N ILE A 170 -12.66 -1.87 -1.71
CA ILE A 170 -11.62 -2.14 -0.72
C ILE A 170 -11.98 -1.43 0.58
N ALA A 171 -11.92 -2.15 1.69
CA ALA A 171 -12.24 -1.56 2.99
C ALA A 171 -11.11 -1.73 3.99
N GLY A 172 -10.91 -0.70 4.82
CA GLY A 172 -9.88 -0.72 5.84
C GLY A 172 -9.97 0.52 6.70
N ASN A 173 -9.03 0.69 7.64
CA ASN A 173 -7.98 -0.29 7.87
C ASN A 173 -8.28 -1.17 9.06
N ILE A 174 -7.73 -2.39 9.06
CA ILE A 174 -7.94 -3.35 10.12
C ILE A 174 -6.62 -3.96 10.58
N ALA A 175 -6.66 -4.72 11.67
CA ALA A 175 -5.45 -5.36 12.17
C ALA A 175 -5.71 -6.68 12.90
N THR A 176 -6.96 -7.16 12.85
CA THR A 176 -7.32 -8.41 13.52
C THR A 176 -8.09 -9.35 12.61
N ALA A 177 -8.05 -10.64 12.93
CA ALA A 177 -8.79 -11.65 12.18
C ALA A 177 -10.30 -11.41 12.26
N ALA A 178 -10.76 -10.98 13.43
CA ALA A 178 -12.19 -10.71 13.64
C ALA A 178 -12.66 -9.58 12.74
N ALA A 179 -11.80 -8.59 12.55
CA ALA A 179 -12.12 -7.46 11.68
C ALA A 179 -12.18 -7.90 10.23
N ALA A 180 -11.23 -8.76 9.83
CA ALA A 180 -11.20 -9.28 8.48
C ALA A 180 -12.45 -10.09 8.18
N LYS A 181 -12.87 -10.90 9.15
CA LYS A 181 -14.06 -11.72 9.01
C LYS A 181 -15.31 -10.86 8.80
N ALA A 182 -15.44 -9.81 9.61
CA ALA A 182 -16.59 -8.92 9.55
C ALA A 182 -16.70 -8.23 8.19
N LEU A 183 -15.56 -7.75 7.68
CA LEU A 183 -15.55 -7.06 6.39
C LEU A 183 -15.83 -8.04 5.24
N CYS A 184 -15.21 -9.21 5.30
CA CYS A 184 -15.39 -10.22 4.26
C CYS A 184 -16.84 -10.71 4.21
N GLU A 185 -17.45 -10.86 5.38
CA GLU A 185 -18.84 -11.29 5.45
C GLU A 185 -19.78 -10.20 4.97
N ALA A 186 -19.32 -8.95 5.00
CA ALA A 186 -20.09 -7.84 4.49
C ALA A 186 -19.99 -7.76 2.97
N GLY A 187 -19.00 -8.45 2.41
CA GLY A 187 -18.89 -8.61 0.98
C GLY A 187 -17.84 -7.75 0.28
N VAL A 188 -16.83 -7.32 1.02
CA VAL A 188 -15.75 -6.52 0.42
C VAL A 188 -14.94 -7.37 -0.55
N ASP A 189 -14.22 -6.72 -1.45
CA ASP A 189 -13.44 -7.43 -2.46
C ASP A 189 -11.96 -7.46 -2.07
N ALA A 190 -11.61 -6.69 -1.05
CA ALA A 190 -10.27 -6.73 -0.46
C ALA A 190 -10.29 -6.01 0.89
N VAL A 191 -9.40 -6.40 1.79
CA VAL A 191 -9.25 -5.69 3.05
C VAL A 191 -7.87 -5.05 3.11
N LYS A 192 -7.80 -3.86 3.70
CA LYS A 192 -6.53 -3.16 3.86
C LYS A 192 -6.08 -3.24 5.31
N VAL A 193 -4.87 -3.76 5.51
CA VAL A 193 -4.36 -4.01 6.86
C VAL A 193 -3.29 -2.99 7.26
N GLY A 194 -3.48 -2.40 8.43
CA GLY A 194 -2.52 -1.45 8.97
C GLY A 194 -3.13 -0.48 9.96
N ILE A 195 -2.93 -0.75 11.25
CA ILE A 195 -3.34 0.18 12.30
C ILE A 195 -2.11 0.64 13.07
N GLY A 196 -1.63 1.84 12.72
CA GLY A 196 -0.44 2.38 13.34
C GLY A 196 0.95 2.28 12.70
N PRO A 197 1.14 1.46 11.65
CA PRO A 197 2.54 1.32 11.25
C PRO A 197 3.06 2.45 10.35
N GLY A 198 2.16 3.31 9.87
CA GLY A 198 2.53 4.37 8.96
C GLY A 198 3.65 5.26 9.46
N SER A 199 4.53 5.69 8.56
CA SER A 199 5.67 6.52 8.92
C SER A 199 5.26 7.81 9.62
N ILE A 200 4.16 8.40 9.17
CA ILE A 200 3.67 9.66 9.73
C ILE A 200 2.57 9.45 10.77
N CYS A 201 2.32 8.20 11.13
CA CYS A 201 1.21 7.86 12.02
C CYS A 201 1.61 7.91 13.49
N THR A 202 0.73 8.46 14.33
CA THR A 202 0.96 8.53 15.76
C THR A 202 -0.15 7.84 16.55
N THR A 203 -1.01 7.12 15.84
CA THR A 203 -2.16 6.44 16.45
C THR A 203 -1.77 5.58 17.66
N ARG A 204 -0.72 4.79 17.50
CA ARG A 204 -0.28 3.89 18.57
C ARG A 204 0.21 4.65 19.79
N ILE A 205 0.70 5.87 19.58
CA ILE A 205 1.23 6.67 20.66
C ILE A 205 0.12 7.51 21.31
N VAL A 206 -0.76 8.04 20.47
CA VAL A 206 -1.86 8.89 20.94
C VAL A 206 -2.95 8.08 21.62
N SER A 207 -3.26 6.91 21.06
CA SER A 207 -4.37 6.10 21.56
C SER A 207 -3.94 4.81 22.24
N GLY A 208 -2.69 4.41 22.04
CA GLY A 208 -2.20 3.17 22.63
C GLY A 208 -2.71 1.94 21.90
N VAL A 209 -3.29 2.16 20.71
CA VAL A 209 -3.91 1.09 19.95
C VAL A 209 -3.12 0.78 18.69
N GLY A 210 -2.92 -0.51 18.42
CA GLY A 210 -2.25 -0.93 17.21
C GLY A 210 -1.71 -2.35 17.26
N VAL A 211 -1.36 -2.88 16.10
CA VAL A 211 -0.75 -4.20 16.01
C VAL A 211 0.43 -4.14 15.04
N PRO A 212 1.62 -4.57 15.50
CA PRO A 212 2.82 -4.68 14.66
C PRO A 212 2.50 -5.35 13.32
N GLN A 213 2.96 -4.76 12.23
CA GLN A 213 2.40 -5.02 10.91
C GLN A 213 2.55 -6.46 10.40
N ILE A 214 3.68 -7.10 10.68
CA ILE A 214 3.88 -8.48 10.22
C ILE A 214 2.84 -9.42 10.82
N SER A 215 2.60 -9.31 12.12
CA SER A 215 1.61 -10.14 12.79
C SER A 215 0.20 -9.78 12.35
N ALA A 216 -0.04 -8.49 12.10
CA ALA A 216 -1.34 -8.02 11.65
C ALA A 216 -1.68 -8.64 10.29
N ILE A 217 -0.72 -8.58 9.36
CA ILE A 217 -0.91 -9.16 8.05
C ILE A 217 -1.18 -10.66 8.14
N ASP A 218 -0.33 -11.36 8.88
CA ASP A 218 -0.42 -12.80 9.05
C ASP A 218 -1.79 -13.24 9.56
N GLU A 219 -2.28 -12.53 10.58
CA GLU A 219 -3.55 -12.84 11.20
C GLU A 219 -4.73 -12.59 10.26
N CYS A 220 -4.71 -11.45 9.56
CA CYS A 220 -5.81 -11.09 8.67
C CYS A 220 -5.81 -11.92 7.39
N VAL A 221 -4.63 -12.28 6.89
CA VAL A 221 -4.52 -13.10 5.69
C VAL A 221 -5.14 -14.48 5.92
N GLU A 222 -4.85 -15.07 7.08
CA GLU A 222 -5.35 -16.40 7.39
C GLU A 222 -6.88 -16.40 7.42
N GLU A 223 -7.48 -15.32 7.92
CA GLU A 223 -8.92 -15.21 7.94
C GLU A 223 -9.50 -14.86 6.57
N ALA A 224 -8.88 -13.89 5.89
CA ALA A 224 -9.36 -13.43 4.59
C ALA A 224 -9.27 -14.52 3.53
N ASN A 225 -8.26 -15.38 3.65
CA ASN A 225 -8.08 -16.49 2.71
C ASN A 225 -9.29 -17.43 2.68
N LYS A 226 -10.00 -17.51 3.79
CA LYS A 226 -11.19 -18.36 3.88
C LYS A 226 -12.30 -17.85 2.95
N PHE A 227 -12.25 -16.57 2.62
CA PHE A 227 -13.26 -15.96 1.77
C PHE A 227 -12.74 -15.72 0.35
N GLY A 228 -11.47 -16.03 0.14
CA GLY A 228 -10.83 -15.77 -1.14
C GLY A 228 -10.66 -14.28 -1.37
N VAL A 229 -10.44 -13.55 -0.28
CA VAL A 229 -10.32 -12.10 -0.32
C VAL A 229 -8.86 -11.67 -0.10
N PRO A 230 -8.33 -10.88 -1.05
CA PRO A 230 -6.94 -10.39 -1.00
C PRO A 230 -6.70 -9.41 0.14
N VAL A 231 -5.49 -9.44 0.68
CA VAL A 231 -5.09 -8.52 1.75
C VAL A 231 -4.08 -7.50 1.24
N ILE A 232 -4.35 -6.23 1.51
CA ILE A 232 -3.42 -5.18 1.15
C ILE A 232 -2.65 -4.73 2.39
N ALA A 233 -1.33 -4.88 2.35
CA ALA A 233 -0.46 -4.45 3.44
C ALA A 233 -0.16 -2.97 3.34
N ASP A 234 -0.72 -2.19 4.27
CA ASP A 234 -0.67 -0.74 4.16
C ASP A 234 0.10 -0.07 5.30
N GLY A 235 1.25 0.50 4.97
CA GLY A 235 2.02 1.27 5.93
C GLY A 235 3.19 0.52 6.54
N GLY A 236 4.23 1.26 6.92
CA GLY A 236 5.36 0.69 7.61
C GLY A 236 6.47 0.18 6.71
N ILE A 237 6.28 0.30 5.40
CA ILE A 237 7.31 -0.11 4.46
C ILE A 237 8.45 0.91 4.41
N LYS A 238 9.65 0.45 4.76
CA LYS A 238 10.81 1.33 4.80
C LYS A 238 11.79 0.99 3.67
N TYR A 239 11.93 -0.30 3.39
CA TYR A 239 12.84 -0.77 2.36
C TYR A 239 12.16 -1.78 1.46
N SER A 240 12.82 -2.12 0.34
CA SER A 240 12.28 -3.10 -0.59
C SER A 240 12.11 -4.47 0.07
N GLY A 241 12.98 -4.76 1.03
CA GLY A 241 12.91 -6.02 1.76
C GLY A 241 11.63 -6.17 2.55
N ASP A 242 11.05 -5.04 2.97
CA ASP A 242 9.79 -5.05 3.70
C ASP A 242 8.64 -5.47 2.77
N ILE A 243 8.73 -5.06 1.51
CA ILE A 243 7.77 -5.48 0.50
C ILE A 243 7.74 -7.00 0.38
N ALA A 244 8.94 -7.57 0.24
CA ALA A 244 9.11 -9.01 0.12
C ALA A 244 8.53 -9.74 1.33
N LYS A 245 8.83 -9.24 2.52
CA LYS A 245 8.33 -9.86 3.75
C LYS A 245 6.81 -9.84 3.81
N ALA A 246 6.22 -8.69 3.51
CA ALA A 246 4.77 -8.52 3.56
C ALA A 246 4.07 -9.48 2.60
N LEU A 247 4.59 -9.58 1.38
CA LEU A 247 4.02 -10.46 0.38
C LEU A 247 4.23 -11.93 0.75
N ALA A 248 5.42 -12.25 1.26
CA ALA A 248 5.74 -13.62 1.66
C ALA A 248 4.83 -14.11 2.78
N VAL A 249 4.49 -13.20 3.68
CA VAL A 249 3.63 -13.53 4.82
C VAL A 249 2.22 -13.89 4.34
N GLY A 250 1.80 -13.30 3.23
CA GLY A 250 0.53 -13.66 2.62
C GLY A 250 -0.27 -12.50 2.03
N ALA A 251 0.24 -11.28 2.17
CA ALA A 251 -0.40 -10.14 1.55
C ALA A 251 -0.34 -10.27 0.03
N SER A 252 -1.37 -9.78 -0.64
CA SER A 252 -1.42 -9.86 -2.10
C SER A 252 -0.84 -8.60 -2.73
N SER A 253 -0.88 -7.49 -2.00
CA SER A 253 -0.33 -6.24 -2.49
C SER A 253 0.12 -5.35 -1.33
N VAL A 254 0.86 -4.30 -1.65
CA VAL A 254 1.41 -3.41 -0.65
C VAL A 254 1.12 -1.95 -0.99
N MET A 255 0.65 -1.19 0.00
CA MET A 255 0.41 0.24 -0.19
C MET A 255 1.54 1.05 0.44
N ILE A 256 2.03 2.04 -0.31
CA ILE A 256 3.20 2.81 0.13
C ILE A 256 2.94 4.32 0.12
N GLY A 257 3.37 4.99 1.19
CA GLY A 257 3.25 6.44 1.27
C GLY A 257 4.59 7.15 1.18
N SER A 258 5.41 7.01 2.23
CA SER A 258 6.63 7.79 2.37
C SER A 258 7.64 7.61 1.24
N LEU A 259 7.78 6.39 0.73
CA LEU A 259 8.78 6.10 -0.31
C LEU A 259 8.41 6.73 -1.65
N LEU A 260 7.18 7.22 -1.78
CA LEU A 260 6.71 7.80 -3.03
C LEU A 260 6.42 9.29 -2.91
N ALA A 261 6.50 9.81 -1.68
CA ALA A 261 6.14 11.21 -1.42
C ALA A 261 7.15 12.18 -2.00
N GLY A 262 8.40 11.74 -2.13
CA GLY A 262 9.47 12.62 -2.59
C GLY A 262 9.77 12.51 -4.07
N THR A 263 8.80 12.04 -4.85
CA THR A 263 9.00 11.86 -6.27
C THR A 263 8.47 13.04 -7.08
N ASP A 264 8.82 13.08 -8.36
CA ASP A 264 8.36 14.12 -9.27
C ASP A 264 6.84 14.17 -9.37
N GLU A 265 6.23 12.99 -9.43
CA GLU A 265 4.82 12.86 -9.75
C GLU A 265 3.88 13.14 -8.58
N SER A 266 4.41 13.10 -7.36
CA SER A 266 3.57 13.37 -6.19
C SER A 266 3.21 14.85 -6.15
N PRO A 267 2.02 15.16 -5.59
CA PRO A 267 1.59 16.55 -5.46
C PRO A 267 2.56 17.38 -4.61
N GLY A 268 2.47 18.70 -4.70
CA GLY A 268 3.36 19.56 -3.97
C GLY A 268 4.62 19.85 -4.77
N GLU A 269 5.35 20.88 -4.36
CA GLU A 269 6.51 21.34 -5.08
C GLU A 269 7.81 21.05 -4.34
N LEU A 270 8.92 21.03 -5.07
CA LEU A 270 10.23 20.91 -4.46
C LEU A 270 10.58 22.16 -3.67
N PHE A 271 11.37 21.99 -2.62
CA PHE A 271 11.91 23.12 -1.88
C PHE A 271 13.28 22.77 -1.31
N THR A 272 14.18 23.74 -1.32
CA THR A 272 15.55 23.52 -0.85
C THR A 272 15.69 23.90 0.62
N TYR A 273 16.43 23.10 1.36
CA TYR A 273 16.68 23.34 2.78
C TYR A 273 18.09 22.86 3.13
N GLN A 274 18.96 23.81 3.45
CA GLN A 274 20.37 23.53 3.74
C GLN A 274 21.05 22.83 2.57
N GLY A 275 20.82 23.33 1.36
CA GLY A 275 21.45 22.80 0.17
C GLY A 275 20.92 21.46 -0.29
N ARG A 276 19.78 21.07 0.27
CA ARG A 276 19.14 19.80 -0.09
C ARG A 276 17.69 19.99 -0.48
N GLN A 277 17.21 19.19 -1.43
CA GLN A 277 15.83 19.30 -1.88
C GLN A 277 14.91 18.32 -1.15
N TYR A 278 13.72 18.80 -0.81
CA TYR A 278 12.73 17.98 -0.11
C TYR A 278 11.33 18.18 -0.68
N LYS A 279 10.42 17.30 -0.27
CA LYS A 279 9.00 17.43 -0.56
C LYS A 279 8.22 17.24 0.73
N SER A 280 7.07 17.90 0.84
CA SER A 280 6.24 17.76 2.02
C SER A 280 5.58 16.38 2.07
N TYR A 281 5.55 15.79 3.26
CA TYR A 281 4.83 14.55 3.49
C TYR A 281 4.15 14.64 4.85
N ARG A 282 2.84 14.43 4.86
CA ARG A 282 2.06 14.59 6.08
C ARG A 282 0.96 13.55 6.19
N GLY A 283 0.64 13.16 7.42
CA GLY A 283 -0.46 12.26 7.65
C GLY A 283 -1.78 12.93 7.28
N MET A 284 -2.74 12.14 6.83
CA MET A 284 -4.05 12.67 6.49
C MET A 284 -4.84 12.97 7.76
N GLY A 285 -4.31 12.52 8.89
CA GLY A 285 -4.89 12.79 10.19
C GLY A 285 -4.13 13.87 10.94
N SER A 286 -3.18 14.51 10.25
CA SER A 286 -2.42 15.60 10.84
C SER A 286 -3.25 16.88 10.87
N LEU A 287 -2.80 17.86 11.64
CA LEU A 287 -3.50 19.14 11.74
C LEU A 287 -3.64 19.80 10.37
N GLY A 288 -2.53 19.90 9.64
CA GLY A 288 -2.51 20.55 8.35
C GLY A 288 -3.49 19.95 7.35
N ALA A 289 -3.52 18.63 7.25
CA ALA A 289 -4.38 17.95 6.31
C ALA A 289 -5.85 18.07 6.71
N MET A 290 -6.11 18.12 8.00
CA MET A 290 -7.48 18.24 8.50
C MET A 290 -8.01 19.67 8.38
N GLN A 291 -7.10 20.60 8.12
CA GLN A 291 -7.49 22.01 7.97
C GLN A 291 -7.68 22.36 6.51
N LYS A 307 -10.64 22.23 19.50
CA LYS A 307 -9.31 21.83 19.07
C LYS A 307 -9.28 20.36 18.66
N LEU A 308 -8.67 20.08 17.51
CA LEU A 308 -8.58 18.72 17.01
C LEU A 308 -7.51 17.91 17.73
N VAL A 309 -7.70 16.59 17.76
CA VAL A 309 -6.71 15.69 18.31
C VAL A 309 -6.13 14.83 17.20
N PRO A 310 -4.96 15.22 16.69
CA PRO A 310 -4.34 14.60 15.51
C PRO A 310 -3.82 13.19 15.77
N GLU A 311 -3.83 12.37 14.73
CA GLU A 311 -3.25 11.04 14.80
C GLU A 311 -2.13 10.90 13.76
N GLY A 312 -1.64 12.05 13.30
CA GLY A 312 -0.57 12.10 12.33
C GLY A 312 0.23 13.37 12.45
N ILE A 313 1.39 13.40 11.80
CA ILE A 313 2.25 14.57 11.85
C ILE A 313 2.52 15.14 10.46
N GLU A 314 3.02 16.36 10.40
CA GLU A 314 3.41 16.99 9.15
C GLU A 314 4.93 17.02 9.05
N GLY A 315 5.46 16.52 7.94
CA GLY A 315 6.90 16.41 7.82
C GLY A 315 7.47 16.61 6.43
N ARG A 316 8.69 16.09 6.24
CA ARG A 316 9.42 16.25 5.00
C ARG A 316 10.11 14.95 4.61
N VAL A 317 10.28 14.73 3.31
CA VAL A 317 11.05 13.60 2.80
C VAL A 317 12.01 14.09 1.73
N PRO A 318 13.18 13.46 1.63
CA PRO A 318 14.15 13.82 0.59
C PRO A 318 13.59 13.61 -0.81
N TYR A 319 13.94 14.49 -1.74
CA TYR A 319 13.57 14.32 -3.14
C TYR A 319 14.37 13.17 -3.74
N VAL A 320 13.69 12.25 -4.41
CA VAL A 320 14.32 11.02 -4.86
C VAL A 320 14.19 10.78 -6.37
N GLY A 321 13.73 11.79 -7.09
CA GLY A 321 13.61 11.70 -8.54
C GLY A 321 12.25 11.22 -8.99
N SER A 322 12.24 10.31 -9.96
CA SER A 322 10.98 9.85 -10.55
C SER A 322 10.40 8.65 -9.82
N ILE A 323 9.09 8.47 -9.98
CA ILE A 323 8.39 7.31 -9.45
C ILE A 323 8.94 6.02 -10.06
N ARG A 324 9.27 6.08 -11.35
CA ARG A 324 9.75 4.91 -12.06
C ARG A 324 11.07 4.40 -11.50
N SER A 325 11.95 5.32 -11.13
CA SER A 325 13.25 4.96 -10.57
C SER A 325 13.08 4.30 -9.20
N VAL A 326 12.18 4.84 -8.39
CA VAL A 326 11.90 4.28 -7.08
C VAL A 326 11.30 2.89 -7.20
N VAL A 327 10.26 2.79 -8.02
CA VAL A 327 9.58 1.52 -8.27
C VAL A 327 10.53 0.45 -8.79
N HIS A 328 11.44 0.84 -9.68
CA HIS A 328 12.42 -0.09 -10.24
C HIS A 328 13.26 -0.72 -9.15
N GLN A 329 13.70 0.10 -8.19
CA GLN A 329 14.52 -0.39 -7.08
C GLN A 329 13.70 -1.27 -6.14
N LEU A 330 12.47 -0.87 -5.87
CA LEU A 330 11.60 -1.64 -4.99
C LEU A 330 11.31 -3.03 -5.58
N LEU A 331 10.94 -3.07 -6.86
CA LEU A 331 10.65 -4.33 -7.52
C LEU A 331 11.91 -5.18 -7.71
N GLY A 332 13.04 -4.50 -7.91
CA GLY A 332 14.31 -5.20 -8.02
C GLY A 332 14.60 -5.96 -6.75
N GLY A 333 14.31 -5.33 -5.62
CA GLY A 333 14.49 -5.97 -4.33
C GLY A 333 13.57 -7.16 -4.16
N LEU A 334 12.32 -7.01 -4.58
CA LEU A 334 11.34 -8.08 -4.51
C LEU A 334 11.76 -9.27 -5.38
N ARG A 335 12.24 -8.96 -6.59
CA ARG A 335 12.71 -10.01 -7.51
C ARG A 335 13.90 -10.77 -6.93
N SER A 336 14.82 -10.04 -6.31
CA SER A 336 15.96 -10.65 -5.65
C SER A 336 15.51 -11.61 -4.55
N SER A 337 14.53 -11.19 -3.77
CA SER A 337 14.00 -11.99 -2.68
C SER A 337 13.42 -13.31 -3.18
N MET A 338 12.59 -13.22 -4.22
CA MET A 338 11.96 -14.41 -4.79
C MET A 338 13.01 -15.34 -5.39
N GLY A 339 14.09 -14.75 -5.90
CA GLY A 339 15.22 -15.52 -6.39
C GLY A 339 15.91 -16.29 -5.28
N TYR A 340 16.08 -15.65 -4.13
CA TYR A 340 16.70 -16.28 -2.97
C TYR A 340 15.86 -17.45 -2.44
N VAL A 341 14.55 -17.27 -2.48
CA VAL A 341 13.62 -18.27 -1.96
C VAL A 341 13.35 -19.35 -3.02
N GLY A 342 13.56 -18.99 -4.28
CA GLY A 342 13.40 -19.94 -5.37
C GLY A 342 11.97 -19.97 -5.91
N ALA A 343 11.29 -18.83 -5.80
CA ALA A 343 9.89 -18.73 -6.18
C ALA A 343 9.70 -18.25 -7.61
N LYS A 344 8.85 -18.94 -8.36
CA LYS A 344 8.59 -18.56 -9.74
C LYS A 344 7.58 -17.43 -9.83
N ASP A 345 6.71 -17.33 -8.82
CA ASP A 345 5.74 -16.25 -8.75
C ASP A 345 5.32 -15.98 -7.30
N ILE A 346 4.39 -15.05 -7.10
CA ILE A 346 3.99 -14.64 -5.75
C ILE A 346 3.34 -15.77 -4.96
N GLU A 347 2.43 -16.49 -5.59
CA GLU A 347 1.75 -17.61 -4.93
C GLU A 347 2.76 -18.67 -4.48
N ASP A 348 3.70 -18.98 -5.36
CA ASP A 348 4.78 -19.91 -5.05
C ASP A 348 5.64 -19.35 -3.92
N PHE A 349 5.88 -18.05 -3.97
CA PHE A 349 6.66 -17.32 -2.97
C PHE A 349 6.07 -17.51 -1.57
N GLN A 350 4.75 -17.36 -1.49
CA GLN A 350 4.03 -17.49 -0.23
C GLN A 350 4.03 -18.93 0.29
N LYS A 351 4.07 -19.88 -0.63
CA LYS A 351 4.09 -21.29 -0.26
C LYS A 351 5.47 -21.73 0.24
N ARG A 352 6.53 -21.20 -0.38
CA ARG A 352 7.90 -21.56 -0.03
C ARG A 352 8.40 -20.87 1.24
N ALA A 353 7.82 -19.71 1.52
CA ALA A 353 8.36 -18.79 2.53
C ALA A 353 8.55 -19.40 3.91
N GLU A 354 9.78 -19.31 4.41
CA GLU A 354 10.09 -19.67 5.79
C GLU A 354 10.86 -18.54 6.47
N PHE A 355 10.45 -18.18 7.67
CA PHE A 355 11.02 -17.05 8.38
C PHE A 355 11.87 -17.48 9.58
N VAL A 356 12.82 -16.63 9.95
CA VAL A 356 13.43 -16.72 11.27
C VAL A 356 13.18 -15.42 12.01
N GLU A 357 12.98 -15.52 13.32
CA GLU A 357 12.91 -14.34 14.16
C GLU A 357 14.34 -13.97 14.56
N ILE A 358 14.65 -12.68 14.52
CA ILE A 358 15.99 -12.23 14.85
C ILE A 358 15.98 -11.33 16.08
N THR A 359 17.17 -11.01 16.57
CA THR A 359 17.31 -10.10 17.70
C THR A 359 17.75 -8.72 17.21
N THR A 360 17.87 -7.78 18.13
CA THR A 360 18.37 -6.44 17.80
C THR A 360 19.77 -6.54 17.22
N ALA A 361 20.56 -7.45 17.76
CA ALA A 361 21.91 -7.71 17.27
C ALA A 361 21.89 -8.21 15.83
N GLY A 362 20.92 -9.07 15.52
CA GLY A 362 20.76 -9.59 14.18
C GLY A 362 20.38 -8.50 13.20
N LEU A 363 19.54 -7.57 13.64
CA LEU A 363 19.11 -6.45 12.81
C LEU A 363 20.29 -5.52 12.53
N LYS A 364 21.11 -5.29 13.55
CA LYS A 364 22.31 -4.47 13.41
C LYS A 364 23.26 -5.11 12.41
N GLU A 365 23.41 -6.43 12.51
CA GLU A 365 24.26 -7.19 11.60
C GLU A 365 23.73 -7.12 10.17
N SER A 366 22.41 -7.08 10.02
CA SER A 366 21.77 -7.07 8.71
C SER A 366 22.02 -5.77 7.97
N HIS A 367 21.96 -4.65 8.68
CA HIS A 367 22.26 -3.35 8.09
C HIS A 367 23.75 -3.21 7.83
N VAL A 368 24.14 -2.09 7.22
CA VAL A 368 25.55 -1.77 7.06
C VAL A 368 26.14 -1.43 8.42
N HIS A 369 27.25 -2.07 8.77
CA HIS A 369 27.87 -1.85 10.08
C HIS A 369 29.38 -1.74 10.00
N ASP A 370 29.95 -0.90 10.87
CA ASP A 370 31.39 -0.76 11.03
C ASP A 370 32.09 -0.25 9.77
N VAL A 371 31.34 0.33 8.85
CA VAL A 371 31.89 0.93 7.64
C VAL A 371 31.20 2.25 7.33
N THR A 372 31.98 3.31 7.14
CA THR A 372 31.43 4.62 6.81
C THR A 372 31.07 4.71 5.32
N ILE A 373 29.78 4.78 5.04
CA ILE A 373 29.30 4.89 3.66
C ILE A 373 29.72 6.22 3.02
N THR A 374 30.30 6.14 1.83
CA THR A 374 30.81 7.33 1.15
C THR A 374 30.05 7.65 -0.13
N HIS A 375 29.34 6.65 -0.67
CA HIS A 375 28.54 6.84 -1.87
C HIS A 375 27.08 6.45 -1.62
N GLU A 376 26.17 7.27 -2.16
CA GLU A 376 24.74 7.03 -1.99
C GLU A 376 24.29 5.80 -2.77
N ALA A 377 23.55 4.91 -2.10
CA ALA A 377 23.00 3.74 -2.75
C ALA A 377 21.55 3.99 -3.17
N PRO A 378 21.17 3.50 -4.36
CA PRO A 378 19.82 3.71 -4.92
C PRO A 378 18.71 3.13 -4.05
N ASN A 379 18.99 2.01 -3.38
CA ASN A 379 17.96 1.29 -2.63
C ASN A 379 18.24 1.22 -1.13
N TYR A 380 19.26 1.95 -0.69
CA TYR A 380 19.64 1.93 0.72
C TYR A 380 20.03 3.34 1.18
N LYS A 381 19.16 3.98 1.95
CA LYS A 381 19.38 5.34 2.40
C LYS A 381 19.16 5.48 3.90
#